data_6B9V
#
_entry.id   6B9V
#
_cell.length_a   125.780
_cell.length_b   41.364
_cell.length_c   96.034
_cell.angle_alpha   90.00
_cell.angle_beta   95.20
_cell.angle_gamma   90.00
#
_symmetry.space_group_name_H-M   'C 1 2 1'
#
loop_
_entity.id
_entity.type
_entity.pdbx_description
1 polymer 'Beta-lactamase-like protein'
2 non-polymer 'MANGANESE (II) ION'
3 non-polymer 'PHOSPHATE ION'
4 non-polymer 'ZINC ION'
5 water water
#
_entity_poly.entity_id   1
_entity_poly.type   'polypeptide(L)'
_entity_poly.pdbx_seq_one_letter_code
;MLMRATLTVLGSGTSMGVPTIGCDCAVCSSSDPHDRRLRPSVMVQYDGKLVLIDTTPDFREQALREGIKKIDAIVYTHGH
ADHILGLDDVRPLSFPRITGGARVPLYANEKTERVLKHVFKYIFDDDYKFGSIAQVEMHRVHHEAIELFGAKFIPVPVIH
GETEIYGYRFGSAAYLTDFSSIPDASMEMLRGLDILFLDALRHKPHPTHSTLDNSVSIAEKLKAKHTYFTHISHDLPHEE
TNRQLPAGIQLAHDGLKLEFELCLEHHHHHH
;
_entity_poly.pdbx_strand_id   A,B
#
# COMPACT_ATOMS: atom_id res chain seq x y z
N MET A 1 -1.50 -24.93 30.54
CA MET A 1 -2.06 -23.72 29.97
C MET A 1 -1.83 -23.70 28.45
N LEU A 2 -1.83 -24.88 27.84
CA LEU A 2 -1.81 -25.00 26.39
C LEU A 2 -3.16 -24.56 25.82
N MET A 3 -3.13 -23.57 24.94
CA MET A 3 -4.34 -23.07 24.31
C MET A 3 -4.26 -23.13 22.78
N ARG A 4 -5.43 -23.12 22.17
CA ARG A 4 -5.59 -23.08 20.72
C ARG A 4 -5.24 -21.69 20.18
N ALA A 5 -4.37 -21.68 19.16
CA ALA A 5 -4.01 -20.45 18.49
C ALA A 5 -4.32 -20.60 17.01
N THR A 6 -4.57 -19.50 16.32
CA THR A 6 -4.79 -19.54 14.88
C THR A 6 -3.80 -18.63 14.14
N LEU A 7 -3.15 -19.17 13.11
CA LEU A 7 -2.33 -18.37 12.21
C LEU A 7 -3.09 -18.11 10.91
N THR A 8 -3.13 -16.86 10.47
CA THR A 8 -3.75 -16.50 9.19
C THR A 8 -2.74 -15.86 8.27
N VAL A 9 -2.68 -16.35 7.05
CA VAL A 9 -1.82 -15.77 6.02
C VAL A 9 -2.49 -14.53 5.43
N LEU A 10 -1.91 -13.37 5.67
CA LEU A 10 -2.41 -12.11 5.10
C LEU A 10 -1.88 -11.89 3.69
N GLY A 11 -0.65 -12.35 3.43
CA GLY A 11 -0.09 -12.30 2.09
C GLY A 11 0.97 -13.38 1.95
N SER A 12 1.01 -14.03 0.79
CA SER A 12 1.94 -15.13 0.55
C SER A 12 2.93 -14.79 -0.58
N GLY A 13 2.91 -13.55 -1.05
CA GLY A 13 3.64 -13.20 -2.25
C GLY A 13 4.99 -12.53 -2.01
N THR A 14 5.73 -12.33 -3.10
CA THR A 14 7.03 -11.67 -3.04
C THR A 14 6.87 -10.13 -2.99
N SER A 15 7.99 -9.41 -3.10
CA SER A 15 7.99 -7.96 -2.81
C SER A 15 7.11 -7.16 -3.78
N MET A 16 7.02 -7.57 -5.02
CA MET A 16 6.15 -6.91 -5.97
C MET A 16 4.77 -7.62 -6.13
N GLY A 17 4.58 -8.64 -5.30
CA GLY A 17 3.32 -9.36 -5.30
C GLY A 17 3.16 -10.27 -6.50
N VAL A 18 2.05 -11.00 -6.55
CA VAL A 18 1.65 -11.72 -7.78
C VAL A 18 0.19 -11.35 -8.05
N PRO A 19 -0.11 -10.83 -9.24
CA PRO A 19 0.76 -10.60 -10.41
C PRO A 19 1.75 -9.46 -10.21
N THR A 20 2.75 -9.43 -11.09
CA THR A 20 3.66 -8.29 -11.21
C THR A 20 3.05 -7.30 -12.19
N ILE A 21 2.99 -6.02 -11.82
CA ILE A 21 2.47 -5.00 -12.72
C ILE A 21 3.14 -5.06 -14.09
N GLY A 22 2.33 -5.07 -15.15
CA GLY A 22 2.84 -5.00 -16.52
C GLY A 22 3.16 -6.34 -17.14
N CYS A 23 3.16 -7.41 -16.34
CA CYS A 23 3.57 -8.73 -16.79
C CYS A 23 2.39 -9.54 -17.30
N ASP A 24 2.57 -10.18 -18.45
CA ASP A 24 1.51 -10.97 -19.04
C ASP A 24 1.82 -12.47 -19.06
N CYS A 25 2.68 -12.94 -18.17
CA CYS A 25 3.08 -14.36 -18.17
C CYS A 25 1.91 -15.24 -17.69
N ALA A 26 2.09 -16.55 -17.82
CA ALA A 26 1.01 -17.49 -17.47
C ALA A 26 0.50 -17.30 -16.04
N VAL A 27 1.42 -17.19 -15.08
CA VAL A 27 1.00 -17.07 -13.68
C VAL A 27 0.33 -15.71 -13.40
N CYS A 28 0.88 -14.64 -13.97
CA CYS A 28 0.28 -13.31 -13.76
C CYS A 28 -1.08 -13.21 -14.45
N SER A 29 -1.33 -14.07 -15.43
CA SER A 29 -2.58 -14.08 -16.18
C SER A 29 -3.55 -15.09 -15.60
N SER A 30 -3.11 -15.81 -14.57
CA SER A 30 -3.89 -16.91 -14.02
C SER A 30 -5.22 -16.41 -13.44
N SER A 31 -6.25 -17.25 -13.53
CA SER A 31 -7.51 -16.91 -12.87
C SER A 31 -7.73 -17.73 -11.60
N ASP A 32 -6.71 -18.50 -11.24
CA ASP A 32 -6.73 -19.23 -9.97
C ASP A 32 -6.56 -18.21 -8.85
N PRO A 33 -7.55 -18.11 -7.96
CA PRO A 33 -7.46 -17.13 -6.85
C PRO A 33 -6.16 -17.25 -6.03
N HIS A 34 -5.63 -18.46 -5.90
CA HIS A 34 -4.42 -18.62 -5.08
C HIS A 34 -3.17 -18.12 -5.80
N ASP A 35 -3.29 -17.81 -7.08
CA ASP A 35 -2.18 -17.19 -7.80
C ASP A 35 -2.18 -15.66 -7.62
N ARG A 36 -3.18 -15.14 -6.90
CA ARG A 36 -3.19 -13.74 -6.50
C ARG A 36 -2.60 -13.65 -5.11
N ARG A 37 -1.50 -12.92 -4.99
CA ARG A 37 -0.75 -12.89 -3.75
C ARG A 37 -0.35 -11.48 -3.33
N LEU A 38 -0.83 -11.03 -2.17
CA LEU A 38 -0.38 -9.76 -1.61
C LEU A 38 0.99 -9.92 -0.92
N ARG A 39 1.59 -8.82 -0.47
CA ARG A 39 2.90 -8.87 0.11
C ARG A 39 2.93 -9.66 1.45
N PRO A 40 4.11 -10.12 1.87
CA PRO A 40 4.14 -11.22 2.85
C PRO A 40 3.98 -10.85 4.33
N SER A 41 3.01 -11.50 5.00
CA SER A 41 2.64 -11.17 6.39
C SER A 41 1.68 -12.21 6.94
N VAL A 42 1.77 -12.49 8.25
CA VAL A 42 0.80 -13.38 8.89
C VAL A 42 0.34 -12.72 10.19
N MET A 43 -0.83 -13.13 10.67
CA MET A 43 -1.22 -12.78 12.04
C MET A 43 -1.49 -14.03 12.86
N VAL A 44 -1.36 -13.87 14.18
CA VAL A 44 -1.52 -14.95 15.13
C VAL A 44 -2.54 -14.52 16.16
N GLN A 45 -3.59 -15.32 16.33
CA GLN A 45 -4.65 -14.98 17.27
C GLN A 45 -4.71 -16.00 18.40
N TYR A 46 -4.80 -15.50 19.62
CA TYR A 46 -4.88 -16.39 20.79
C TYR A 46 -5.36 -15.63 21.99
N ASP A 47 -6.24 -16.24 22.76
CA ASP A 47 -6.74 -15.68 24.03
C ASP A 47 -7.28 -14.27 23.84
N GLY A 48 -7.94 -14.03 22.71
CA GLY A 48 -8.56 -12.73 22.46
C GLY A 48 -7.57 -11.66 21.99
N LYS A 49 -6.33 -12.08 21.74
CA LYS A 49 -5.26 -11.18 21.30
C LYS A 49 -4.92 -11.44 19.84
N LEU A 50 -4.36 -10.41 19.19
CA LEU A 50 -3.92 -10.48 17.80
C LEU A 50 -2.51 -9.92 17.67
N VAL A 51 -1.60 -10.75 17.17
CA VAL A 51 -0.20 -10.35 16.98
C VAL A 51 0.11 -10.38 15.50
N LEU A 52 0.59 -9.26 14.98
CA LEU A 52 0.84 -9.11 13.56
C LEU A 52 2.33 -9.23 13.28
N ILE A 53 2.70 -10.00 12.25
CA ILE A 53 4.10 -10.09 11.86
C ILE A 53 4.24 -9.36 10.55
N ASP A 54 4.88 -8.19 10.62
CA ASP A 54 5.20 -7.28 9.50
C ASP A 54 3.98 -6.47 9.04
N THR A 55 4.24 -5.25 8.56
CA THR A 55 3.17 -4.40 8.05
C THR A 55 3.44 -4.07 6.60
N THR A 56 2.91 -4.88 5.70
CA THR A 56 3.21 -4.76 4.28
C THR A 56 2.49 -3.56 3.68
N PRO A 57 2.94 -3.10 2.51
CA PRO A 57 2.19 -2.05 1.81
C PRO A 57 0.73 -2.44 1.54
N ASP A 58 0.39 -3.73 1.63
CA ASP A 58 -1.01 -4.14 1.47
C ASP A 58 -1.78 -4.24 2.78
N PHE A 59 -1.24 -3.66 3.85
CA PHE A 59 -1.86 -3.87 5.15
C PHE A 59 -3.32 -3.40 5.22
N ARG A 60 -3.66 -2.25 4.67
CA ARG A 60 -5.07 -1.83 4.74
C ARG A 60 -6.00 -2.91 4.15
N GLU A 61 -5.68 -3.39 2.94
CA GLU A 61 -6.47 -4.42 2.27
C GLU A 61 -6.52 -5.70 3.11
N GLN A 62 -5.37 -6.09 3.66
CA GLN A 62 -5.27 -7.33 4.46
C GLN A 62 -6.14 -7.26 5.72
N ALA A 63 -6.11 -6.10 6.38
CA ALA A 63 -6.90 -5.88 7.58
C ALA A 63 -8.40 -5.86 7.27
N LEU A 64 -8.79 -5.17 6.20
CA LEU A 64 -10.20 -5.09 5.85
C LEU A 64 -10.74 -6.47 5.49
N ARG A 65 -9.94 -7.20 4.71
CA ARG A 65 -10.20 -8.56 4.31
C ARG A 65 -10.52 -9.48 5.48
N GLU A 66 -9.74 -9.32 6.54
CA GLU A 66 -9.90 -10.21 7.69
C GLU A 66 -10.69 -9.62 8.85
N GLY A 67 -11.23 -8.43 8.66
CA GLY A 67 -12.04 -7.77 9.69
C GLY A 67 -11.28 -7.42 10.96
N ILE A 68 -10.00 -7.07 10.82
CA ILE A 68 -9.20 -6.67 11.98
C ILE A 68 -9.71 -5.36 12.59
N LYS A 69 -10.00 -5.38 13.88
CA LYS A 69 -10.54 -4.22 14.58
C LYS A 69 -9.57 -3.70 15.64
N LYS A 70 -8.55 -4.49 15.95
CA LYS A 70 -7.59 -4.17 16.99
C LYS A 70 -6.31 -4.99 16.81
N ILE A 71 -5.17 -4.35 17.00
CA ILE A 71 -3.88 -5.04 16.97
C ILE A 71 -3.22 -4.93 18.32
N ASP A 72 -2.88 -6.06 18.94
CA ASP A 72 -2.29 -6.00 20.27
C ASP A 72 -0.78 -5.83 20.27
N ALA A 73 -0.13 -6.32 19.23
CA ALA A 73 1.30 -6.13 19.10
C ALA A 73 1.69 -6.36 17.65
N ILE A 74 2.74 -5.67 17.21
CA ILE A 74 3.30 -5.87 15.89
C ILE A 74 4.77 -6.28 16.04
N VAL A 75 5.14 -7.34 15.32
CA VAL A 75 6.50 -7.88 15.38
C VAL A 75 7.12 -7.83 13.98
N TYR A 76 8.35 -7.31 13.85
CA TYR A 76 9.00 -7.21 12.55
C TYR A 76 10.10 -8.25 12.31
N THR A 77 10.12 -8.82 11.11
CA THR A 77 11.23 -9.67 10.69
C THR A 77 12.46 -8.84 10.28
N HIS A 78 12.22 -7.76 9.50
CA HIS A 78 13.29 -6.89 9.02
C HIS A 78 12.68 -5.66 8.36
N GLY A 79 13.55 -4.79 7.84
CA GLY A 79 13.14 -3.44 7.44
C GLY A 79 12.93 -3.14 5.96
N HIS A 80 12.95 -4.17 5.12
CA HIS A 80 12.68 -3.98 3.69
C HIS A 80 11.28 -3.43 3.47
N ALA A 81 11.13 -2.69 2.37
CA ALA A 81 9.89 -1.98 2.09
C ALA A 81 8.63 -2.85 2.06
N ASP A 82 8.75 -4.06 1.51
CA ASP A 82 7.60 -4.94 1.41
C ASP A 82 7.15 -5.47 2.78
N HIS A 83 7.90 -5.14 3.84
CA HIS A 83 7.57 -5.58 5.19
C HIS A 83 7.23 -4.43 6.15
N ILE A 84 7.44 -3.20 5.71
CA ILE A 84 7.20 -2.04 6.61
C ILE A 84 6.28 -0.95 6.06
N LEU A 85 6.12 -0.83 4.74
CA LEU A 85 5.43 0.39 4.24
C LEU A 85 3.97 0.55 4.72
N GLY A 86 3.34 -0.52 5.19
CA GLY A 86 1.95 -0.45 5.66
C GLY A 86 1.73 0.15 7.05
N LEU A 87 2.83 0.52 7.69
CA LEU A 87 2.73 1.05 9.05
C LEU A 87 1.87 2.32 9.04
N ASP A 88 1.98 3.09 7.97
CA ASP A 88 1.15 4.28 7.80
C ASP A 88 -0.34 3.92 7.98
N ASP A 89 -0.72 2.77 7.43
CA ASP A 89 -2.11 2.36 7.45
C ASP A 89 -2.52 1.70 8.75
N VAL A 90 -1.55 1.45 9.63
CA VAL A 90 -1.91 1.07 11.00
C VAL A 90 -2.55 2.22 11.86
N ARG A 91 -2.30 3.47 11.48
CA ARG A 91 -2.73 4.62 12.29
C ARG A 91 -4.18 4.66 12.83
N PRO A 92 -5.19 4.30 12.01
CA PRO A 92 -6.55 4.37 12.59
C PRO A 92 -6.85 3.32 13.66
N LEU A 93 -6.01 2.29 13.79
CA LEU A 93 -6.20 1.33 14.87
C LEU A 93 -5.43 1.72 16.13
N SER A 94 -4.66 2.80 16.06
CA SER A 94 -3.76 3.16 17.15
C SER A 94 -4.32 4.24 18.09
N PHE A 95 -5.53 4.71 17.81
CA PHE A 95 -6.10 5.76 18.65
C PHE A 95 -6.76 5.17 19.89
N PRO A 96 -6.69 5.90 21.02
CA PRO A 96 -7.16 5.45 22.34
C PRO A 96 -8.53 4.80 22.31
N ARG A 97 -9.44 5.36 21.50
CA ARG A 97 -10.77 4.83 21.31
C ARG A 97 -10.75 3.33 21.11
N ILE A 98 -9.89 2.90 20.19
CA ILE A 98 -9.78 1.49 19.81
C ILE A 98 -8.84 0.71 20.73
N THR A 99 -7.71 1.31 21.07
CA THR A 99 -6.69 0.58 21.80
C THR A 99 -7.12 0.32 23.24
N GLY A 100 -7.80 1.30 23.82
CA GLY A 100 -8.18 1.25 25.22
C GLY A 100 -7.32 2.17 26.05
N GLY A 101 -6.38 2.85 25.39
CA GLY A 101 -5.56 3.83 26.08
C GLY A 101 -4.07 3.72 25.80
N ALA A 102 -3.57 2.50 25.65
CA ALA A 102 -2.15 2.28 25.44
C ALA A 102 -1.76 2.42 23.98
N ARG A 103 -0.51 2.81 23.74
CA ARG A 103 0.03 2.80 22.38
C ARG A 103 0.12 1.36 21.89
N VAL A 104 0.08 1.18 20.57
CA VAL A 104 0.37 -0.11 19.93
C VAL A 104 1.88 -0.38 20.02
N PRO A 105 2.26 -1.50 20.65
CA PRO A 105 3.69 -1.80 20.73
C PRO A 105 4.24 -2.45 19.45
N LEU A 106 5.37 -1.93 18.96
CA LEU A 106 6.09 -2.50 17.83
C LEU A 106 7.36 -3.15 18.32
N TYR A 107 7.68 -4.33 17.82
CA TYR A 107 8.88 -5.03 18.26
C TYR A 107 9.81 -5.20 17.08
N ALA A 108 11.05 -4.73 17.21
CA ALA A 108 11.99 -4.85 16.10
C ALA A 108 13.42 -4.88 16.58
N ASN A 109 14.31 -5.51 15.80
CA ASN A 109 15.72 -5.44 16.14
C ASN A 109 16.25 -4.04 15.80
N GLU A 110 17.50 -3.78 16.16
CA GLU A 110 18.03 -2.42 16.02
C GLU A 110 18.06 -1.92 14.55
N LYS A 111 18.44 -2.77 13.61
CA LYS A 111 18.51 -2.30 12.22
C LYS A 111 17.12 -1.95 11.68
N THR A 112 16.13 -2.77 12.07
CA THR A 112 14.77 -2.56 11.61
C THR A 112 14.18 -1.29 12.28
N GLU A 113 14.44 -1.13 13.57
CA GLU A 113 14.05 0.07 14.28
C GLU A 113 14.61 1.31 13.60
N ARG A 114 15.91 1.26 13.24
CA ARG A 114 16.60 2.38 12.58
C ARG A 114 15.87 2.79 11.28
N VAL A 115 15.54 1.78 10.47
CA VAL A 115 14.82 2.06 9.23
C VAL A 115 13.40 2.62 9.48
N LEU A 116 12.67 2.01 10.40
CA LEU A 116 11.32 2.49 10.73
C LEU A 116 11.29 3.94 11.21
N LYS A 117 12.19 4.28 12.14
CA LYS A 117 12.21 5.64 12.67
C LYS A 117 12.63 6.63 11.60
N HIS A 118 13.49 6.20 10.69
CA HIS A 118 13.91 7.09 9.61
C HIS A 118 12.77 7.33 8.60
N VAL A 119 12.24 6.24 8.05
CA VAL A 119 11.19 6.30 7.05
C VAL A 119 9.92 6.94 7.59
N PHE A 120 9.55 6.58 8.82
CA PHE A 120 8.30 7.07 9.40
C PHE A 120 8.59 8.06 10.50
N LYS A 121 9.56 8.93 10.26
CA LYS A 121 9.92 9.99 11.19
C LYS A 121 8.72 10.87 11.56
N TYR A 122 7.76 11.01 10.63
CA TYR A 122 6.56 11.81 10.89
C TYR A 122 5.60 11.12 11.85
N ILE A 123 5.76 9.81 12.05
CA ILE A 123 4.92 9.08 12.99
C ILE A 123 5.49 9.16 14.39
N PHE A 124 6.81 9.08 14.50
CA PHE A 124 7.47 9.05 15.80
C PHE A 124 7.77 10.45 16.33
N GLN A 135 0.43 6.90 19.89
CA GLN A 135 -0.16 5.95 18.95
C GLN A 135 0.61 4.64 19.00
N VAL A 136 1.91 4.70 18.70
CA VAL A 136 2.74 3.50 18.67
C VAL A 136 4.03 3.70 19.48
N GLU A 137 4.56 2.60 20.03
CA GLU A 137 5.79 2.68 20.81
C GLU A 137 6.75 1.57 20.41
N MET A 138 8.04 1.88 20.29
CA MET A 138 9.06 0.92 19.89
C MET A 138 9.66 0.11 21.04
N HIS A 139 9.80 -1.18 20.83
CA HIS A 139 10.46 -2.10 21.74
C HIS A 139 11.56 -2.88 21.00
N ARG A 140 12.74 -2.94 21.61
CA ARG A 140 13.90 -3.57 20.97
C ARG A 140 13.91 -5.09 21.13
N VAL A 141 14.09 -5.78 20.01
CA VAL A 141 14.23 -7.23 20.00
C VAL A 141 15.70 -7.63 19.85
N HIS A 142 16.19 -8.43 20.79
CA HIS A 142 17.45 -9.13 20.57
C HIS A 142 17.15 -10.62 20.53
N HIS A 143 18.08 -11.43 21.00
CA HIS A 143 17.91 -12.87 20.87
C HIS A 143 17.01 -13.47 21.94
N GLU A 144 16.77 -12.73 23.02
CA GLU A 144 15.87 -13.20 24.06
C GLU A 144 14.42 -13.25 23.57
N ALA A 145 13.61 -14.12 24.17
CA ALA A 145 12.21 -14.26 23.78
C ALA A 145 11.36 -13.02 24.07
N ILE A 146 10.40 -12.76 23.19
CA ILE A 146 9.45 -11.68 23.33
C ILE A 146 8.23 -12.18 24.08
N GLU A 147 8.00 -11.64 25.26
CA GLU A 147 6.84 -12.00 26.06
C GLU A 147 5.60 -11.22 25.63
N LEU A 148 4.68 -11.90 24.96
CA LEU A 148 3.47 -11.25 24.47
C LEU A 148 2.22 -11.91 25.02
N PHE A 149 1.61 -11.24 26.00
CA PHE A 149 0.34 -11.66 26.56
C PHE A 149 0.33 -13.13 26.99
N GLY A 150 1.42 -13.56 27.64
CA GLY A 150 1.51 -14.92 28.13
C GLY A 150 2.27 -15.86 27.19
N ALA A 151 2.42 -15.50 25.93
CA ALA A 151 3.09 -16.38 24.99
C ALA A 151 4.53 -15.93 24.75
N LYS A 152 5.41 -16.86 24.40
CA LYS A 152 6.77 -16.49 24.06
C LYS A 152 7.01 -16.57 22.55
N PHE A 153 7.45 -15.44 21.97
CA PHE A 153 7.87 -15.40 20.58
C PHE A 153 9.40 -15.38 20.54
N ILE A 154 9.99 -16.47 20.07
CA ILE A 154 11.44 -16.65 20.10
C ILE A 154 12.03 -16.17 18.78
N PRO A 155 12.93 -15.18 18.82
CA PRO A 155 13.60 -14.76 17.58
C PRO A 155 14.55 -15.86 17.09
N VAL A 156 14.49 -16.14 15.80
CA VAL A 156 15.30 -17.15 15.17
C VAL A 156 16.16 -16.48 14.10
N PRO A 157 17.47 -16.35 14.36
CA PRO A 157 18.30 -15.66 13.37
C PRO A 157 18.32 -16.41 12.04
N VAL A 158 18.08 -15.70 10.94
CA VAL A 158 18.32 -16.26 9.61
C VAL A 158 19.14 -15.26 8.79
N ILE A 159 19.75 -15.74 7.70
CA ILE A 159 20.62 -14.90 6.88
C ILE A 159 19.92 -14.55 5.55
N HIS A 160 19.77 -13.25 5.31
CA HIS A 160 19.05 -12.67 4.19
C HIS A 160 20.15 -12.07 3.32
N GLY A 161 20.74 -12.91 2.48
CA GLY A 161 21.92 -12.55 1.69
C GLY A 161 23.19 -12.59 2.52
N GLU A 162 23.59 -11.45 3.05
CA GLU A 162 24.60 -11.43 4.11
C GLU A 162 24.11 -10.64 5.34
N THR A 163 22.84 -10.26 5.36
CA THR A 163 22.30 -9.52 6.51
C THR A 163 21.55 -10.44 7.46
N GLU A 164 21.86 -10.43 8.76
CA GLU A 164 21.09 -11.25 9.71
C GLU A 164 19.75 -10.58 10.03
N ILE A 165 18.65 -11.33 9.89
CA ILE A 165 17.31 -10.85 10.25
C ILE A 165 16.66 -11.92 11.14
N TYR A 166 15.40 -11.72 11.52
CA TYR A 166 14.71 -12.68 12.37
C TYR A 166 13.53 -13.38 11.71
N GLY A 167 13.38 -14.67 12.00
CA GLY A 167 12.11 -15.33 11.89
C GLY A 167 11.66 -15.54 13.33
N TYR A 168 10.50 -16.16 13.55
CA TYR A 168 10.05 -16.36 14.93
C TYR A 168 9.42 -17.71 15.15
N ARG A 169 9.69 -18.30 16.32
CA ARG A 169 8.99 -19.51 16.70
C ARG A 169 8.05 -19.16 17.84
N PHE A 170 6.83 -19.66 17.78
CA PHE A 170 5.85 -19.41 18.81
C PHE A 170 5.04 -20.69 19.00
N GLY A 171 5.19 -21.31 20.16
CA GLY A 171 4.55 -22.59 20.44
C GLY A 171 4.96 -23.62 19.40
N SER A 172 3.99 -24.30 18.81
CA SER A 172 4.30 -25.32 17.80
C SER A 172 4.36 -24.77 16.38
N ALA A 173 4.44 -23.44 16.23
CA ALA A 173 4.54 -22.87 14.90
C ALA A 173 5.80 -22.01 14.71
N ALA A 174 6.28 -21.85 13.48
CA ALA A 174 7.40 -20.96 13.22
C ALA A 174 7.24 -20.30 11.85
N TYR A 175 7.69 -19.06 11.77
CA TYR A 175 7.52 -18.26 10.58
C TYR A 175 8.88 -17.69 10.19
N LEU A 176 9.40 -18.13 9.05
CA LEU A 176 10.71 -17.70 8.57
C LEU A 176 10.64 -17.25 7.12
N THR A 177 10.78 -15.96 6.89
CA THR A 177 10.71 -15.47 5.51
C THR A 177 12.01 -14.73 5.17
N ASP A 178 12.22 -14.48 3.88
CA ASP A 178 13.37 -13.68 3.43
C ASP A 178 14.71 -14.21 3.94
N PHE A 179 15.00 -15.47 3.66
CA PHE A 179 16.34 -15.97 3.98
C PHE A 179 16.92 -16.66 2.78
N SER A 180 18.24 -16.60 2.70
CA SER A 180 19.00 -17.40 1.76
C SER A 180 19.63 -18.57 2.49
N SER A 181 19.82 -18.44 3.80
CA SER A 181 20.32 -19.59 4.58
C SER A 181 19.94 -19.48 6.06
N ILE A 182 19.98 -20.62 6.73
CA ILE A 182 19.63 -20.71 8.14
C ILE A 182 20.80 -21.35 8.88
N PRO A 183 21.38 -20.59 9.83
CA PRO A 183 22.54 -21.07 10.61
C PRO A 183 22.23 -22.38 11.34
N ASP A 184 23.26 -23.18 11.61
CA ASP A 184 23.06 -24.47 12.29
C ASP A 184 22.30 -24.31 13.62
N ALA A 185 22.74 -23.32 14.40
CA ALA A 185 22.16 -23.08 15.70
C ALA A 185 20.68 -22.76 15.57
N SER A 186 20.30 -22.11 14.47
CA SER A 186 18.88 -21.82 14.24
C SER A 186 18.11 -23.06 13.77
N MET A 187 18.76 -23.92 13.00
CA MET A 187 18.11 -25.15 12.55
C MET A 187 17.71 -25.96 13.79
N GLU A 188 18.56 -25.89 14.81
CA GLU A 188 18.31 -26.67 16.03
C GLU A 188 17.13 -26.15 16.83
N MET A 189 16.72 -24.92 16.55
CA MET A 189 15.59 -24.28 17.25
C MET A 189 14.25 -24.61 16.60
N LEU A 190 14.31 -25.25 15.44
CA LEU A 190 13.13 -25.36 14.59
C LEU A 190 12.60 -26.78 14.45
N ARG A 191 12.96 -27.66 15.38
CA ARG A 191 12.54 -29.05 15.28
C ARG A 191 11.24 -29.30 16.04
N GLY A 192 10.51 -30.32 15.61
CA GLY A 192 9.29 -30.73 16.30
C GLY A 192 8.15 -29.74 16.19
N LEU A 193 8.07 -29.00 15.08
CA LEU A 193 6.96 -28.08 14.82
C LEU A 193 5.73 -28.78 14.23
N ASP A 194 4.54 -28.26 14.52
CA ASP A 194 3.32 -28.65 13.82
C ASP A 194 3.22 -27.89 12.49
N ILE A 195 3.63 -26.63 12.53
CA ILE A 195 3.51 -25.71 11.40
C ILE A 195 4.82 -24.96 11.19
N LEU A 196 5.33 -24.98 9.97
CA LEU A 196 6.53 -24.21 9.62
C LEU A 196 6.35 -23.42 8.32
N PHE A 197 6.65 -22.13 8.35
CA PHE A 197 6.68 -21.35 7.11
C PHE A 197 8.14 -21.11 6.70
N LEU A 198 8.44 -21.34 5.43
CA LEU A 198 9.75 -21.02 4.85
C LEU A 198 9.59 -20.19 3.60
N ASP A 199 10.56 -19.31 3.37
CA ASP A 199 10.76 -18.60 2.10
C ASP A 199 10.92 -19.58 0.93
N ALA A 200 10.15 -19.41 -0.15
CA ALA A 200 10.50 -20.07 -1.43
C ALA A 200 10.10 -19.14 -2.58
N LEU A 201 11.09 -18.45 -3.12
CA LEU A 201 10.85 -17.36 -4.07
C LEU A 201 10.54 -17.87 -5.47
N ARG A 202 11.35 -18.81 -5.94
CA ARG A 202 11.35 -19.19 -7.35
C ARG A 202 12.20 -20.44 -7.53
N HIS A 203 12.36 -20.92 -8.75
CA HIS A 203 13.14 -22.11 -9.01
C HIS A 203 14.66 -21.85 -8.99
N LYS A 204 15.08 -20.72 -9.56
CA LYS A 204 16.51 -20.43 -9.79
C LYS A 204 17.14 -19.74 -8.57
N PRO A 205 18.40 -20.09 -8.25
CA PRO A 205 19.06 -19.47 -7.09
C PRO A 205 19.00 -17.95 -7.12
N HIS A 206 18.71 -17.35 -5.97
CA HIS A 206 18.61 -15.90 -5.83
C HIS A 206 19.56 -15.47 -4.70
N PRO A 207 20.23 -14.33 -4.85
CA PRO A 207 21.21 -13.93 -3.82
C PRO A 207 20.64 -13.81 -2.38
N THR A 208 19.37 -13.48 -2.19
CA THR A 208 18.90 -13.21 -0.83
C THR A 208 17.69 -14.04 -0.42
N HIS A 209 17.23 -14.92 -1.31
CA HIS A 209 16.05 -15.74 -1.00
C HIS A 209 16.40 -17.22 -1.21
N SER A 210 15.45 -18.11 -0.92
CA SER A 210 15.67 -19.55 -1.05
C SER A 210 14.86 -20.07 -2.24
N THR A 211 15.39 -21.07 -2.96
CA THR A 211 14.67 -21.71 -4.04
C THR A 211 13.70 -22.76 -3.54
N LEU A 212 12.78 -23.14 -4.40
CA LEU A 212 11.85 -24.23 -4.10
C LEU A 212 12.61 -25.48 -3.66
N ASP A 213 13.64 -25.85 -4.42
CA ASP A 213 14.36 -27.08 -4.14
C ASP A 213 15.10 -26.98 -2.81
N ASN A 214 15.70 -25.83 -2.57
CA ASN A 214 16.45 -25.62 -1.34
C ASN A 214 15.55 -25.68 -0.11
N SER A 215 14.37 -25.08 -0.25
CA SER A 215 13.45 -25.01 0.87
C SER A 215 12.78 -26.35 1.11
N VAL A 216 12.62 -27.14 0.05
CA VAL A 216 12.21 -28.53 0.23
C VAL A 216 13.27 -29.32 1.02
N SER A 217 14.56 -29.14 0.70
CA SER A 217 15.62 -29.81 1.47
C SER A 217 15.63 -29.44 2.95
N ILE A 218 15.51 -28.14 3.21
CA ILE A 218 15.39 -27.65 4.58
C ILE A 218 14.17 -28.26 5.26
N ALA A 219 13.04 -28.27 4.57
CA ALA A 219 11.79 -28.82 5.10
C ALA A 219 11.96 -30.29 5.49
N GLU A 220 12.70 -31.03 4.67
CA GLU A 220 12.88 -32.45 4.92
C GLU A 220 13.89 -32.70 6.04
N LYS A 221 14.74 -31.71 6.32
CA LYS A 221 15.60 -31.81 7.49
C LYS A 221 14.85 -31.47 8.78
N LEU A 222 13.96 -30.49 8.72
CA LEU A 222 13.30 -30.04 9.96
C LEU A 222 12.05 -30.84 10.31
N LYS A 223 11.45 -31.50 9.31
CA LYS A 223 10.36 -32.45 9.54
C LYS A 223 9.18 -31.89 10.35
N ALA A 224 8.74 -30.68 10.05
CA ALA A 224 7.51 -30.16 10.63
C ALA A 224 6.36 -31.00 10.14
N LYS A 225 5.26 -31.05 10.90
CA LYS A 225 4.09 -31.82 10.48
C LYS A 225 3.59 -31.31 9.12
N HIS A 226 3.44 -29.99 9.03
CA HIS A 226 3.09 -29.34 7.77
C HIS A 226 4.00 -28.15 7.53
N THR A 227 4.57 -28.10 6.33
CA THR A 227 5.44 -26.99 5.97
C THR A 227 4.77 -26.19 4.84
N TYR A 228 4.78 -24.88 4.96
CA TYR A 228 4.20 -24.00 3.95
C TYR A 228 5.26 -23.05 3.43
N PHE A 229 5.26 -22.80 2.12
CA PHE A 229 6.20 -21.86 1.56
C PHE A 229 5.53 -20.50 1.33
N THR A 230 6.31 -19.44 1.48
CA THR A 230 5.73 -18.09 1.30
C THR A 230 6.77 -17.21 0.60
N HIS A 231 6.45 -15.93 0.41
CA HIS A 231 7.27 -14.96 -0.35
C HIS A 231 7.41 -15.40 -1.82
N ILE A 232 6.32 -15.95 -2.34
CA ILE A 232 6.30 -16.63 -3.63
C ILE A 232 6.18 -15.65 -4.81
N SER A 233 6.99 -15.85 -5.85
CA SER A 233 6.98 -15.00 -7.05
C SER A 233 6.16 -15.61 -8.19
N HIS A 234 6.01 -14.87 -9.30
CA HIS A 234 5.26 -15.40 -10.43
C HIS A 234 5.95 -16.57 -11.13
N ASP A 235 7.14 -16.92 -10.66
CA ASP A 235 7.85 -18.08 -11.19
C ASP A 235 7.17 -19.40 -10.81
N LEU A 236 6.33 -19.39 -9.78
CA LEU A 236 5.75 -20.61 -9.23
C LEU A 236 4.22 -20.66 -9.33
N PRO A 237 3.69 -21.44 -10.29
CA PRO A 237 2.23 -21.62 -10.43
C PRO A 237 1.68 -22.36 -9.22
N HIS A 238 0.56 -21.92 -8.65
CA HIS A 238 0.17 -22.47 -7.35
C HIS A 238 -0.18 -23.96 -7.41
N GLU A 239 -1.18 -24.31 -8.20
CA GLU A 239 -1.71 -25.66 -8.18
C GLU A 239 -0.72 -26.63 -8.80
N GLU A 240 -0.07 -26.21 -9.88
CA GLU A 240 0.84 -27.11 -10.58
C GLU A 240 2.03 -27.44 -9.69
N THR A 241 2.49 -26.46 -8.91
CA THR A 241 3.61 -26.68 -7.98
C THR A 241 3.16 -27.55 -6.84
N ASN A 242 1.98 -27.29 -6.28
CA ASN A 242 1.53 -28.07 -5.13
C ASN A 242 1.25 -29.52 -5.48
N ARG A 243 0.83 -29.77 -6.72
CA ARG A 243 0.59 -31.14 -7.16
C ARG A 243 1.88 -31.95 -7.17
N GLN A 244 3.01 -31.26 -7.30
CA GLN A 244 4.30 -31.94 -7.46
C GLN A 244 5.14 -32.05 -6.17
N LEU A 245 4.79 -31.32 -5.11
CA LEU A 245 5.58 -31.30 -3.87
C LEU A 245 5.36 -32.55 -3.02
N PRO A 246 6.32 -32.86 -2.14
CA PRO A 246 6.16 -34.01 -1.23
C PRO A 246 5.01 -33.83 -0.26
N ALA A 247 4.43 -34.93 0.20
CA ALA A 247 3.41 -34.87 1.25
C ALA A 247 3.91 -34.03 2.42
N GLY A 248 3.04 -33.19 2.95
CA GLY A 248 3.40 -32.38 4.10
C GLY A 248 4.07 -31.05 3.76
N ILE A 249 4.25 -30.78 2.47
CA ILE A 249 4.90 -29.56 2.00
C ILE A 249 4.04 -28.90 0.93
N GLN A 250 3.66 -27.63 1.12
CA GLN A 250 2.80 -26.97 0.13
C GLN A 250 3.13 -25.49 0.04
N LEU A 251 2.84 -24.85 -1.09
CA LEU A 251 2.82 -23.39 -1.13
C LEU A 251 1.65 -22.89 -0.28
N ALA A 252 1.89 -21.88 0.54
CA ALA A 252 0.77 -21.18 1.20
C ALA A 252 -0.10 -20.43 0.18
N HIS A 253 -1.24 -19.91 0.65
CA HIS A 253 -2.05 -19.02 -0.16
C HIS A 253 -2.64 -17.93 0.72
N ASP A 254 -2.98 -16.80 0.11
CA ASP A 254 -3.62 -15.70 0.85
C ASP A 254 -4.92 -16.18 1.47
N GLY A 255 -5.10 -15.98 2.77
CA GLY A 255 -6.33 -16.37 3.43
C GLY A 255 -6.26 -17.71 4.15
N LEU A 256 -5.19 -18.44 3.93
CA LEU A 256 -4.99 -19.71 4.62
C LEU A 256 -5.03 -19.56 6.14
N LYS A 257 -5.85 -20.35 6.81
CA LYS A 257 -5.91 -20.33 8.26
C LYS A 257 -5.50 -21.69 8.82
N LEU A 258 -4.66 -21.67 9.85
CA LEU A 258 -4.09 -22.88 10.42
C LEU A 258 -4.19 -22.87 11.93
N GLU A 259 -4.59 -23.99 12.52
CA GLU A 259 -4.73 -24.08 13.96
C GLU A 259 -3.47 -24.72 14.54
N PHE A 260 -3.04 -24.23 15.70
CA PHE A 260 -1.87 -24.83 16.35
C PHE A 260 -1.95 -24.58 17.85
N GLU A 261 -0.94 -25.04 18.60
CA GLU A 261 -1.01 -24.92 20.04
C GLU A 261 0.07 -23.99 20.57
N LEU A 262 -0.27 -23.32 21.67
CA LEU A 262 0.57 -22.28 22.26
C LEU A 262 0.48 -22.32 23.79
N CYS A 263 1.60 -22.45 24.49
CA CYS A 263 1.54 -22.42 25.95
C CYS A 263 1.37 -20.99 26.48
N LEU A 264 0.37 -20.83 27.35
CA LEU A 264 -0.08 -19.55 27.88
C LEU A 264 -0.48 -18.58 26.77
N ARG B 4 -10.56 14.26 -27.32
CA ARG B 4 -9.12 14.06 -27.39
C ARG B 4 -8.49 13.35 -26.16
N ALA B 5 -8.76 13.77 -24.93
CA ALA B 5 -8.06 13.20 -23.79
C ALA B 5 -9.02 12.56 -22.79
N THR B 6 -8.50 11.64 -21.96
CA THR B 6 -9.34 10.94 -20.99
C THR B 6 -8.75 11.01 -19.59
N LEU B 7 -9.57 11.40 -18.63
CA LEU B 7 -9.20 11.37 -17.22
C LEU B 7 -9.85 10.15 -16.57
N THR B 8 -9.06 9.38 -15.82
CA THR B 8 -9.57 8.23 -15.09
C THR B 8 -9.31 8.39 -13.59
N VAL B 9 -10.35 8.22 -12.78
CA VAL B 9 -10.21 8.27 -11.34
C VAL B 9 -9.70 6.92 -10.84
N LEU B 10 -8.46 6.91 -10.35
CA LEU B 10 -7.87 5.70 -9.79
C LEU B 10 -8.28 5.51 -8.33
N GLY B 11 -8.46 6.63 -7.62
CA GLY B 11 -8.98 6.61 -6.26
C GLY B 11 -9.67 7.93 -5.96
N SER B 12 -10.82 7.84 -5.29
CA SER B 12 -11.64 9.01 -4.93
C SER B 12 -11.69 9.21 -3.42
N GLY B 13 -10.90 8.44 -2.67
CA GLY B 13 -11.03 8.41 -1.22
C GLY B 13 -10.09 9.32 -0.47
N THR B 14 -10.30 9.45 0.84
CA THR B 14 -9.44 10.26 1.68
C THR B 14 -8.18 9.47 2.06
N SER B 15 -7.40 10.01 3.00
CA SER B 15 -6.04 9.50 3.22
C SER B 15 -6.05 8.06 3.75
N MET B 16 -7.08 7.71 4.52
CA MET B 16 -7.16 6.32 5.00
C MET B 16 -8.18 5.50 4.20
N GLY B 17 -8.65 6.05 3.08
CA GLY B 17 -9.60 5.33 2.25
C GLY B 17 -11.00 5.21 2.84
N VAL B 18 -11.89 4.57 2.09
CA VAL B 18 -13.20 4.17 2.56
C VAL B 18 -13.42 2.73 2.10
N PRO B 19 -13.65 1.81 3.04
CA PRO B 19 -13.77 1.98 4.50
C PRO B 19 -12.48 2.41 5.19
N THR B 20 -12.62 2.90 6.42
CA THR B 20 -11.47 3.09 7.32
C THR B 20 -11.38 1.84 8.17
N ILE B 21 -10.19 1.26 8.27
CA ILE B 21 -10.06 0.03 9.04
C ILE B 21 -10.54 0.22 10.47
N GLY B 22 -11.26 -0.77 10.97
CA GLY B 22 -11.69 -0.79 12.35
C GLY B 22 -12.99 -0.05 12.59
N CYS B 23 -13.49 0.67 11.58
CA CYS B 23 -14.70 1.49 11.75
C CYS B 23 -15.97 0.71 11.48
N ASP B 24 -16.97 0.90 12.35
CA ASP B 24 -18.23 0.19 12.22
C ASP B 24 -19.36 1.03 11.62
N CYS B 25 -19.07 2.24 11.16
CA CYS B 25 -20.15 3.13 10.68
C CYS B 25 -20.80 2.53 9.42
N ALA B 26 -21.97 3.04 9.06
CA ALA B 26 -22.75 2.46 7.96
C ALA B 26 -22.02 2.53 6.63
N VAL B 27 -21.38 3.66 6.36
CA VAL B 27 -20.68 3.85 5.10
C VAL B 27 -19.51 2.87 5.02
N CYS B 28 -18.86 2.59 6.14
CA CYS B 28 -17.73 1.66 6.11
C CYS B 28 -18.20 0.22 5.93
N SER B 29 -19.51 -0.01 6.09
CA SER B 29 -20.10 -1.33 5.83
C SER B 29 -21.01 -1.33 4.60
N SER B 30 -20.85 -0.35 3.73
CA SER B 30 -21.82 -0.10 2.65
C SER B 30 -21.89 -1.22 1.61
N SER B 31 -23.11 -1.53 1.15
CA SER B 31 -23.30 -2.46 0.06
C SER B 31 -23.19 -1.75 -1.30
N ASP B 32 -23.01 -0.42 -1.25
CA ASP B 32 -22.81 0.41 -2.46
C ASP B 32 -21.34 0.42 -2.87
N PRO B 33 -21.02 -0.15 -4.05
CA PRO B 33 -19.63 -0.19 -4.53
C PRO B 33 -18.97 1.19 -4.62
N HIS B 34 -19.78 2.23 -4.82
CA HIS B 34 -19.23 3.57 -4.97
C HIS B 34 -18.74 4.12 -3.63
N ASP B 35 -19.12 3.46 -2.54
CA ASP B 35 -18.64 3.81 -1.21
C ASP B 35 -17.31 3.17 -0.91
N ARG B 36 -16.77 2.41 -1.87
CA ARG B 36 -15.46 1.80 -1.73
C ARG B 36 -14.45 2.67 -2.47
N ARG B 37 -13.50 3.25 -1.74
CA ARG B 37 -12.65 4.33 -2.28
C ARG B 37 -11.19 4.14 -1.92
N LEU B 38 -10.37 3.89 -2.94
CA LEU B 38 -8.92 3.85 -2.77
C LEU B 38 -8.37 5.26 -2.61
N ARG B 39 -7.10 5.39 -2.23
CA ARG B 39 -6.50 6.69 -1.97
C ARG B 39 -6.43 7.59 -3.24
N PRO B 40 -6.33 8.91 -3.10
CA PRO B 40 -6.69 9.80 -4.23
C PRO B 40 -5.64 9.97 -5.32
N SER B 41 -6.03 9.64 -6.55
CA SER B 41 -5.13 9.76 -7.70
C SER B 41 -5.95 9.72 -8.98
N VAL B 42 -5.47 10.40 -10.01
CA VAL B 42 -6.08 10.27 -11.33
C VAL B 42 -5.00 10.07 -12.38
N MET B 43 -5.42 9.57 -13.53
CA MET B 43 -4.51 9.43 -14.63
C MET B 43 -5.11 10.12 -15.86
N VAL B 44 -4.25 10.69 -16.69
CA VAL B 44 -4.65 11.42 -17.88
C VAL B 44 -4.01 10.78 -19.12
N GLN B 45 -4.84 10.35 -20.05
CA GLN B 45 -4.33 9.72 -21.26
C GLN B 45 -4.61 10.57 -22.48
N TYR B 46 -3.59 10.71 -23.32
CA TYR B 46 -3.74 11.45 -24.58
C TYR B 46 -2.60 11.11 -25.52
N ASP B 47 -2.93 10.90 -26.79
CA ASP B 47 -1.93 10.69 -27.84
C ASP B 47 -0.98 9.53 -27.53
N GLY B 48 -1.53 8.43 -27.03
CA GLY B 48 -0.74 7.28 -26.68
C GLY B 48 0.06 7.42 -25.40
N LYS B 49 -0.12 8.56 -24.73
CA LYS B 49 0.62 8.84 -23.50
C LYS B 49 -0.23 8.70 -22.24
N LEU B 50 0.45 8.45 -21.13
CA LEU B 50 -0.18 8.27 -19.83
C LEU B 50 0.55 9.09 -18.78
N VAL B 51 -0.15 10.06 -18.21
CA VAL B 51 0.40 10.93 -17.17
C VAL B 51 -0.31 10.65 -15.86
N LEU B 52 0.45 10.34 -14.82
CA LEU B 52 -0.12 9.98 -13.55
C LEU B 52 -0.01 11.12 -12.55
N ILE B 53 -1.12 11.45 -11.87
CA ILE B 53 -1.04 12.44 -10.79
C ILE B 53 -1.08 11.73 -9.45
N ASP B 54 0.06 11.76 -8.75
CA ASP B 54 0.29 11.15 -7.43
C ASP B 54 0.40 9.61 -7.51
N THR B 55 1.20 9.06 -6.61
CA THR B 55 1.39 7.61 -6.53
C THR B 55 0.98 7.14 -5.15
N THR B 56 -0.31 6.83 -4.98
CA THR B 56 -0.85 6.52 -3.67
C THR B 56 -0.38 5.15 -3.19
N PRO B 57 -0.51 4.88 -1.88
CA PRO B 57 -0.16 3.52 -1.42
C PRO B 57 -0.95 2.41 -2.13
N ASP B 58 -2.07 2.74 -2.77
CA ASP B 58 -2.84 1.75 -3.51
C ASP B 58 -2.42 1.65 -4.98
N PHE B 59 -1.28 2.24 -5.35
CA PHE B 59 -0.88 2.26 -6.76
C PHE B 59 -0.87 0.88 -7.42
N ARG B 60 -0.28 -0.13 -6.77
CA ARG B 60 -0.24 -1.45 -7.41
C ARG B 60 -1.65 -1.94 -7.81
N GLU B 61 -2.59 -1.86 -6.87
CA GLU B 61 -3.97 -2.28 -7.15
C GLU B 61 -4.62 -1.40 -8.23
N GLN B 62 -4.41 -0.09 -8.14
CA GLN B 62 -4.95 0.87 -9.13
C GLN B 62 -4.46 0.53 -10.56
N ALA B 63 -3.15 0.34 -10.69
CA ALA B 63 -2.54 -0.03 -11.96
C ALA B 63 -3.04 -1.37 -12.51
N LEU B 64 -3.06 -2.39 -11.66
CA LEU B 64 -3.55 -3.71 -12.09
C LEU B 64 -4.99 -3.65 -12.55
N ARG B 65 -5.86 -2.98 -11.80
CA ARG B 65 -7.26 -3.02 -12.21
C ARG B 65 -7.53 -2.13 -13.42
N GLU B 66 -6.64 -1.17 -13.72
CA GLU B 66 -6.84 -0.42 -14.96
C GLU B 66 -5.96 -0.92 -16.12
N GLY B 67 -5.21 -2.00 -15.87
CA GLY B 67 -4.30 -2.56 -16.86
C GLY B 67 -3.21 -1.59 -17.33
N ILE B 68 -2.72 -0.75 -16.43
CA ILE B 68 -1.60 0.13 -16.75
C ILE B 68 -0.35 -0.71 -17.01
N LYS B 69 0.27 -0.52 -18.16
CA LYS B 69 1.48 -1.28 -18.49
C LYS B 69 2.67 -0.37 -18.80
N LYS B 70 2.42 0.93 -18.81
CA LYS B 70 3.48 1.90 -19.09
C LYS B 70 3.04 3.27 -18.57
N ILE B 71 3.97 3.99 -17.94
CA ILE B 71 3.71 5.36 -17.48
C ILE B 71 4.72 6.32 -18.10
N ASP B 72 4.22 7.40 -18.69
CA ASP B 72 5.09 8.31 -19.42
C ASP B 72 5.58 9.46 -18.54
N ALA B 73 4.80 9.81 -17.52
CA ALA B 73 5.19 10.86 -16.60
C ALA B 73 4.35 10.82 -15.33
N ILE B 74 4.97 11.17 -14.22
CA ILE B 74 4.28 11.25 -12.93
C ILE B 74 4.39 12.68 -12.41
N VAL B 75 3.27 13.29 -12.02
CA VAL B 75 3.32 14.64 -11.45
C VAL B 75 2.71 14.61 -10.03
N TYR B 76 3.34 15.32 -9.09
CA TYR B 76 2.93 15.27 -7.68
C TYR B 76 2.28 16.55 -7.21
N THR B 77 1.18 16.41 -6.47
CA THR B 77 0.53 17.57 -5.84
C THR B 77 1.30 18.01 -4.59
N HIS B 78 1.75 17.03 -3.81
CA HIS B 78 2.52 17.28 -2.59
C HIS B 78 3.03 15.95 -2.01
N GLY B 79 3.68 16.00 -0.85
CA GLY B 79 4.44 14.86 -0.38
C GLY B 79 3.84 14.03 0.74
N HIS B 80 2.58 14.27 1.06
CA HIS B 80 1.92 13.47 2.10
C HIS B 80 1.83 12.00 1.74
N ALA B 81 1.90 11.14 2.75
CA ALA B 81 1.98 9.69 2.55
C ALA B 81 0.88 9.12 1.65
N ASP B 82 -0.37 9.60 1.76
CA ASP B 82 -1.43 9.04 0.91
C ASP B 82 -1.22 9.42 -0.56
N HIS B 83 -0.24 10.26 -0.85
CA HIS B 83 0.02 10.71 -2.21
C HIS B 83 1.33 10.20 -2.79
N ILE B 84 2.17 9.61 -1.95
CA ILE B 84 3.51 9.23 -2.41
C ILE B 84 3.92 7.78 -2.12
N LEU B 85 3.28 7.11 -1.16
CA LEU B 85 3.83 5.83 -0.68
C LEU B 85 3.76 4.67 -1.68
N GLY B 86 3.13 4.90 -2.83
CA GLY B 86 3.11 3.87 -3.86
C GLY B 86 4.27 3.94 -4.85
N LEU B 87 5.19 4.88 -4.66
CA LEU B 87 6.30 5.05 -5.60
C LEU B 87 7.13 3.78 -5.68
N ASP B 88 7.25 3.08 -4.56
CA ASP B 88 7.98 1.81 -4.54
C ASP B 88 7.40 0.82 -5.55
N ASP B 89 6.07 0.83 -5.71
CA ASP B 89 5.40 -0.12 -6.59
C ASP B 89 5.38 0.30 -8.06
N VAL B 90 5.82 1.51 -8.33
CA VAL B 90 5.98 1.96 -9.71
C VAL B 90 7.20 1.26 -10.37
N ARG B 91 8.18 0.87 -9.55
CA ARG B 91 9.48 0.37 -10.05
C ARG B 91 9.41 -0.62 -11.24
N PRO B 92 8.56 -1.66 -11.17
CA PRO B 92 8.50 -2.59 -12.32
C PRO B 92 8.25 -1.92 -13.67
N LEU B 93 7.59 -0.77 -13.70
CA LEU B 93 7.30 -0.11 -14.97
C LEU B 93 8.45 0.83 -15.37
N SER B 94 9.41 1.02 -14.49
CA SER B 94 10.57 1.87 -14.78
C SER B 94 11.73 1.06 -15.34
N PHE B 95 11.51 -0.23 -15.55
CA PHE B 95 12.56 -1.09 -16.12
C PHE B 95 12.68 -0.83 -17.62
N PRO B 96 13.92 -0.87 -18.16
CA PRO B 96 14.20 -0.58 -19.58
C PRO B 96 13.34 -1.37 -20.57
N ARG B 97 12.99 -2.61 -20.23
CA ARG B 97 12.18 -3.44 -21.11
C ARG B 97 10.82 -2.76 -21.40
N ILE B 98 10.30 -2.07 -20.39
CA ILE B 98 9.02 -1.39 -20.52
C ILE B 98 9.19 0.04 -21.02
N THR B 99 10.20 0.69 -20.50
CA THR B 99 10.45 2.09 -20.75
C THR B 99 11.00 2.42 -22.13
N GLY B 100 11.59 1.45 -22.81
CA GLY B 100 12.18 1.79 -24.07
C GLY B 100 13.63 1.47 -24.23
N GLY B 101 14.48 2.47 -24.27
CA GLY B 101 14.30 3.69 -23.55
C GLY B 101 14.72 3.20 -22.21
N ALA B 102 14.88 4.08 -21.23
CA ALA B 102 14.56 5.47 -21.36
C ALA B 102 14.27 5.99 -19.98
N ARG B 103 13.21 6.74 -19.85
CA ARG B 103 13.06 7.43 -18.59
C ARG B 103 11.64 7.32 -18.02
N VAL B 104 11.52 7.39 -16.70
CA VAL B 104 10.25 7.77 -16.08
C VAL B 104 10.45 9.05 -15.26
N PRO B 105 10.04 10.18 -15.83
CA PRO B 105 10.22 11.47 -15.18
C PRO B 105 9.19 11.72 -14.06
N LEU B 106 9.67 12.20 -12.91
CA LEU B 106 8.82 12.60 -11.80
C LEU B 106 8.89 14.10 -11.64
N TYR B 107 7.74 14.76 -11.60
CA TYR B 107 7.69 16.21 -11.44
C TYR B 107 7.17 16.59 -10.05
N ALA B 108 7.96 17.37 -9.32
CA ALA B 108 7.57 17.81 -7.97
C ALA B 108 8.23 19.14 -7.60
N ASN B 109 7.60 19.92 -6.73
CA ASN B 109 8.27 21.12 -6.20
C ASN B 109 9.36 20.72 -5.21
N GLU B 110 10.12 21.70 -4.74
CA GLU B 110 11.29 21.42 -3.89
C GLU B 110 10.92 20.70 -2.59
N LYS B 111 9.85 21.15 -1.93
CA LYS B 111 9.37 20.50 -0.70
C LYS B 111 9.02 19.04 -0.91
N THR B 112 8.23 18.78 -1.95
CA THR B 112 7.80 17.43 -2.27
C THR B 112 9.01 16.56 -2.65
N GLU B 113 9.93 17.11 -3.44
CA GLU B 113 11.14 16.38 -3.83
C GLU B 113 11.94 15.96 -2.59
N ARG B 114 12.10 16.90 -1.65
CA ARG B 114 12.82 16.61 -0.41
C ARG B 114 12.16 15.49 0.38
N VAL B 115 10.84 15.55 0.48
CA VAL B 115 10.12 14.46 1.13
C VAL B 115 10.35 13.11 0.45
N LEU B 116 10.17 13.08 -0.87
CA LEU B 116 10.35 11.85 -1.64
C LEU B 116 11.73 11.24 -1.39
N LYS B 117 12.75 12.10 -1.41
CA LYS B 117 14.12 11.65 -1.15
C LYS B 117 14.29 11.11 0.26
N HIS B 118 13.78 11.80 1.28
CA HIS B 118 13.89 11.27 2.64
C HIS B 118 13.21 9.91 2.81
N VAL B 119 11.97 9.81 2.34
CA VAL B 119 11.20 8.58 2.54
C VAL B 119 11.78 7.41 1.76
N PHE B 120 12.31 7.66 0.56
CA PHE B 120 12.72 6.51 -0.26
C PHE B 120 14.23 6.30 -0.49
N LYS B 121 15.10 7.25 -0.16
CA LYS B 121 16.50 7.04 -0.51
C LYS B 121 17.29 6.24 0.56
N TYR B 122 16.62 5.73 1.57
CA TYR B 122 17.29 4.77 2.44
C TYR B 122 16.88 3.37 2.02
N ILE B 123 15.57 3.18 1.83
CA ILE B 123 15.01 1.86 1.53
C ILE B 123 14.94 1.52 0.05
N ILE B 133 17.96 -2.07 -12.59
CA ILE B 133 17.88 -0.67 -12.21
C ILE B 133 16.50 -0.07 -12.46
N ALA B 134 16.04 0.72 -11.50
CA ALA B 134 14.81 1.49 -11.67
C ALA B 134 15.15 2.93 -11.99
N GLN B 135 14.96 3.30 -13.26
CA GLN B 135 15.29 4.66 -13.67
C GLN B 135 14.08 5.58 -13.60
N VAL B 136 14.01 6.30 -12.50
CA VAL B 136 13.15 7.43 -12.34
C VAL B 136 14.08 8.64 -12.34
N GLU B 137 13.59 9.80 -12.73
CA GLU B 137 14.41 11.00 -12.52
C GLU B 137 13.57 12.17 -12.04
N MET B 138 14.14 12.94 -11.13
CA MET B 138 13.42 14.05 -10.51
C MET B 138 13.50 15.31 -11.36
N HIS B 139 12.35 15.88 -11.69
CA HIS B 139 12.26 17.17 -12.36
C HIS B 139 11.56 18.17 -11.45
N ARG B 140 12.07 19.41 -11.41
CA ARG B 140 11.52 20.42 -10.52
C ARG B 140 10.34 21.16 -11.15
N VAL B 141 9.25 21.25 -10.39
CA VAL B 141 8.09 22.04 -10.80
C VAL B 141 8.09 23.42 -10.16
N HIS B 142 8.12 24.45 -11.00
CA HIS B 142 7.96 25.83 -10.54
C HIS B 142 6.56 26.29 -10.92
N HIS B 143 6.27 27.59 -10.75
CA HIS B 143 4.94 28.10 -11.03
C HIS B 143 4.62 28.13 -12.53
N GLU B 144 5.63 27.92 -13.37
CA GLU B 144 5.41 27.91 -14.81
C GLU B 144 4.91 26.55 -15.29
N ALA B 145 4.29 26.52 -16.46
CA ALA B 145 3.71 25.30 -17.01
C ALA B 145 4.74 24.20 -17.22
N ILE B 146 4.28 22.96 -17.04
CA ILE B 146 5.08 21.76 -17.31
C ILE B 146 4.77 21.27 -18.71
N GLU B 147 5.80 21.14 -19.54
CA GLU B 147 5.61 20.64 -20.90
C GLU B 147 5.71 19.12 -20.97
N LEU B 148 4.57 18.47 -21.19
CA LEU B 148 4.50 17.01 -21.25
C LEU B 148 3.92 16.52 -22.57
N PHE B 149 4.81 16.06 -23.46
CA PHE B 149 4.42 15.46 -24.73
C PHE B 149 3.44 16.35 -25.51
N GLY B 150 3.71 17.64 -25.53
CA GLY B 150 2.89 18.59 -26.29
C GLY B 150 1.84 19.31 -25.47
N ALA B 151 1.48 18.73 -24.33
CA ALA B 151 0.47 19.35 -23.47
C ALA B 151 1.12 20.22 -22.41
N LYS B 152 0.41 21.26 -21.98
CA LYS B 152 0.88 22.07 -20.86
C LYS B 152 0.08 21.78 -19.58
N PHE B 153 0.77 21.29 -18.56
CA PHE B 153 0.17 21.12 -17.25
C PHE B 153 0.54 22.31 -16.37
N ILE B 154 -0.43 23.18 -16.10
CA ILE B 154 -0.20 24.40 -15.35
C ILE B 154 -0.38 24.15 -13.85
N PRO B 155 0.69 24.37 -13.07
CA PRO B 155 0.58 24.25 -11.62
C PRO B 155 -0.27 25.38 -11.02
N VAL B 156 -1.24 25.00 -10.20
CA VAL B 156 -2.18 25.94 -9.57
C VAL B 156 -1.94 25.93 -8.07
N PRO B 157 -1.38 27.01 -7.52
CA PRO B 157 -1.14 27.04 -6.08
C PRO B 157 -2.44 26.96 -5.28
N VAL B 158 -2.49 26.08 -4.30
CA VAL B 158 -3.59 26.04 -3.34
C VAL B 158 -3.02 25.92 -1.93
N ILE B 159 -3.81 26.32 -0.94
CA ILE B 159 -3.37 26.26 0.45
C ILE B 159 -3.91 25.02 1.16
N HIS B 160 -2.98 24.21 1.67
CA HIS B 160 -3.25 22.95 2.37
C HIS B 160 -2.99 23.19 3.85
N GLY B 161 -4.01 23.68 4.55
CA GLY B 161 -3.84 24.13 5.91
C GLY B 161 -2.94 25.35 5.95
N GLU B 162 -1.66 25.11 6.18
CA GLU B 162 -0.67 26.17 6.19
C GLU B 162 0.21 26.16 4.94
N THR B 163 0.36 24.98 4.35
CA THR B 163 1.39 24.78 3.33
C THR B 163 0.85 24.95 1.93
N GLU B 164 1.55 25.72 1.11
CA GLU B 164 1.17 25.86 -0.29
C GLU B 164 1.56 24.59 -1.05
N ILE B 165 0.60 23.99 -1.73
CA ILE B 165 0.87 22.86 -2.62
C ILE B 165 0.28 23.16 -3.99
N TYR B 166 0.34 22.20 -4.90
CA TYR B 166 -0.17 22.41 -6.26
C TYR B 166 -1.36 21.52 -6.61
N GLY B 167 -2.34 22.09 -7.32
CA GLY B 167 -3.26 21.33 -8.13
C GLY B 167 -2.78 21.55 -9.57
N TYR B 168 -3.45 20.99 -10.56
CA TYR B 168 -3.01 21.19 -11.94
C TYR B 168 -4.14 21.42 -12.90
N ARG B 169 -3.96 22.38 -13.81
CA ARG B 169 -4.89 22.58 -14.91
C ARG B 169 -4.25 22.06 -16.20
N PHE B 170 -5.02 21.33 -16.99
CA PHE B 170 -4.54 20.79 -18.25
C PHE B 170 -5.69 20.83 -19.24
N GLY B 171 -5.54 21.69 -20.24
CA GLY B 171 -6.60 21.95 -21.19
C GLY B 171 -7.87 22.45 -20.52
N SER B 172 -8.95 21.73 -20.77
CA SER B 172 -10.24 22.12 -20.23
C SER B 172 -10.52 21.43 -18.89
N ALA B 173 -9.52 20.75 -18.35
CA ALA B 173 -9.72 20.06 -17.08
C ALA B 173 -8.82 20.60 -16.01
N ALA B 174 -9.23 20.50 -14.75
CA ALA B 174 -8.34 20.82 -13.65
C ALA B 174 -8.58 19.90 -12.45
N TYR B 175 -7.53 19.63 -11.70
CA TYR B 175 -7.53 18.69 -10.58
C TYR B 175 -6.93 19.35 -9.35
N LEU B 176 -7.75 19.64 -8.34
CA LEU B 176 -7.25 20.25 -7.10
C LEU B 176 -7.68 19.46 -5.88
N THR B 177 -6.73 18.78 -5.25
CA THR B 177 -7.01 18.00 -4.04
C THR B 177 -6.26 18.60 -2.85
N ASP B 178 -6.65 18.21 -1.63
CA ASP B 178 -5.93 18.60 -0.42
C ASP B 178 -5.75 20.10 -0.27
N PHE B 179 -6.85 20.84 -0.26
CA PHE B 179 -6.77 22.26 0.03
C PHE B 179 -7.77 22.64 1.12
N SER B 180 -7.40 23.64 1.90
CA SER B 180 -8.33 24.28 2.81
C SER B 180 -8.80 25.60 2.21
N SER B 181 -7.99 26.19 1.32
CA SER B 181 -8.41 27.39 0.60
C SER B 181 -7.67 27.53 -0.73
N ILE B 182 -8.23 28.35 -1.60
CA ILE B 182 -7.66 28.62 -2.92
C ILE B 182 -7.52 30.13 -3.11
N PRO B 183 -6.27 30.63 -3.22
CA PRO B 183 -6.03 32.08 -3.34
C PRO B 183 -6.70 32.69 -4.57
N ASP B 184 -7.01 33.98 -4.51
CA ASP B 184 -7.71 34.68 -5.59
C ASP B 184 -7.07 34.49 -6.96
N ALA B 185 -5.75 34.64 -6.99
CA ALA B 185 -4.99 34.50 -8.23
C ALA B 185 -5.14 33.10 -8.82
N SER B 186 -5.34 32.10 -7.96
CA SER B 186 -5.53 30.74 -8.45
C SER B 186 -6.96 30.55 -8.94
N MET B 187 -7.92 31.18 -8.25
CA MET B 187 -9.31 31.13 -8.68
C MET B 187 -9.43 31.66 -10.11
N GLU B 188 -8.65 32.70 -10.42
CA GLU B 188 -8.70 33.26 -11.77
C GLU B 188 -8.03 32.37 -12.82
N MET B 189 -7.25 31.38 -12.37
CA MET B 189 -6.64 30.40 -13.29
C MET B 189 -7.60 29.26 -13.63
N LEU B 190 -8.74 29.21 -12.96
CA LEU B 190 -9.63 28.05 -13.07
C LEU B 190 -10.96 28.36 -13.76
N ARG B 191 -10.98 29.40 -14.60
CA ARG B 191 -12.21 29.79 -15.28
C ARG B 191 -12.36 29.09 -16.63
N GLY B 192 -13.59 28.73 -16.98
CA GLY B 192 -13.88 28.17 -18.29
C GLY B 192 -13.59 26.69 -18.48
N LEU B 193 -13.67 25.92 -17.40
CA LEU B 193 -13.35 24.49 -17.47
C LEU B 193 -14.53 23.64 -17.94
N ASP B 194 -14.22 22.54 -18.61
CA ASP B 194 -15.16 21.44 -18.86
C ASP B 194 -15.31 20.56 -17.63
N ILE B 195 -14.17 20.25 -17.02
CA ILE B 195 -14.09 19.31 -15.91
C ILE B 195 -13.30 19.94 -14.78
N LEU B 196 -13.83 19.86 -13.55
CA LEU B 196 -13.11 20.34 -12.39
C LEU B 196 -13.19 19.36 -11.22
N PHE B 197 -12.05 18.98 -10.67
CA PHE B 197 -12.03 18.17 -9.46
C PHE B 197 -11.66 19.01 -8.25
N LEU B 198 -12.43 18.86 -7.17
CA LEU B 198 -12.18 19.56 -5.92
C LEU B 198 -12.17 18.61 -4.71
N ASP B 199 -11.27 18.88 -3.78
CA ASP B 199 -11.33 18.30 -2.43
C ASP B 199 -12.71 18.51 -1.80
N ALA B 200 -13.31 17.44 -1.27
CA ALA B 200 -14.48 17.58 -0.39
C ALA B 200 -14.47 16.42 0.59
N LEU B 201 -13.95 16.69 1.78
CA LEU B 201 -13.65 15.63 2.73
C LEU B 201 -14.85 15.08 3.49
N ARG B 202 -15.67 15.99 4.04
CA ARG B 202 -16.75 15.66 4.96
C ARG B 202 -17.57 16.92 5.25
N HIS B 203 -18.46 16.87 6.25
CA HIS B 203 -19.25 18.04 6.63
C HIS B 203 -18.61 18.84 7.76
N LYS B 204 -18.05 18.14 8.74
CA LYS B 204 -17.44 18.81 9.89
C LYS B 204 -16.11 19.40 9.47
N PRO B 205 -15.69 20.47 10.16
CA PRO B 205 -14.48 21.20 9.75
C PRO B 205 -13.20 20.38 9.89
N HIS B 206 -12.29 20.54 8.95
CA HIS B 206 -10.96 19.96 9.05
C HIS B 206 -9.97 21.03 8.60
N PRO B 207 -8.89 21.23 9.37
CA PRO B 207 -8.01 22.39 9.16
C PRO B 207 -7.24 22.40 7.83
N THR B 208 -7.09 21.26 7.18
CA THR B 208 -6.29 21.26 5.95
C THR B 208 -7.07 20.82 4.72
N HIS B 209 -8.36 20.52 4.90
CA HIS B 209 -9.22 20.10 3.80
C HIS B 209 -10.44 21.01 3.76
N SER B 210 -11.33 20.74 2.79
CA SER B 210 -12.51 21.57 2.57
C SER B 210 -13.79 20.77 2.83
N THR B 211 -14.80 21.41 3.43
CA THR B 211 -16.08 20.72 3.61
C THR B 211 -16.84 20.63 2.29
N LEU B 212 -17.84 19.74 2.24
CA LEU B 212 -18.76 19.68 1.12
C LEU B 212 -19.39 21.03 0.79
N ASP B 213 -19.90 21.71 1.81
CA ASP B 213 -20.55 23.01 1.60
C ASP B 213 -19.56 24.04 1.06
N ASN B 214 -18.35 24.02 1.60
CA ASN B 214 -17.33 24.96 1.14
C ASN B 214 -17.01 24.72 -0.36
N SER B 215 -16.85 23.45 -0.71
CA SER B 215 -16.45 23.11 -2.07
C SER B 215 -17.58 23.34 -3.06
N VAL B 216 -18.83 23.22 -2.60
CA VAL B 216 -19.97 23.57 -3.45
C VAL B 216 -19.97 25.07 -3.71
N SER B 217 -19.71 25.85 -2.66
CA SER B 217 -19.61 27.31 -2.86
C SER B 217 -18.53 27.67 -3.90
N ILE B 218 -17.37 27.04 -3.78
CA ILE B 218 -16.28 27.23 -4.73
C ILE B 218 -16.70 26.86 -6.16
N ALA B 219 -17.33 25.71 -6.29
CA ALA B 219 -17.79 25.22 -7.59
C ALA B 219 -18.77 26.20 -8.21
N GLU B 220 -19.65 26.76 -7.39
CA GLU B 220 -20.64 27.70 -7.89
C GLU B 220 -20.00 29.03 -8.29
N LYS B 221 -18.83 29.35 -7.73
CA LYS B 221 -18.10 30.52 -8.20
C LYS B 221 -17.35 30.24 -9.51
N LEU B 222 -16.82 29.04 -9.67
CA LEU B 222 -15.96 28.73 -10.83
C LEU B 222 -16.74 28.31 -12.07
N LYS B 223 -17.93 27.77 -11.85
CA LYS B 223 -18.84 27.36 -12.92
C LYS B 223 -18.21 26.49 -14.03
N ALA B 224 -17.53 25.41 -13.64
CA ALA B 224 -17.12 24.38 -14.60
C ALA B 224 -18.37 23.69 -15.15
N LYS B 225 -18.31 23.10 -16.35
CA LYS B 225 -19.47 22.39 -16.87
C LYS B 225 -19.87 21.27 -15.94
N HIS B 226 -18.88 20.48 -15.52
CA HIS B 226 -19.09 19.44 -14.53
C HIS B 226 -18.03 19.53 -13.47
N THR B 227 -18.47 19.44 -12.22
CA THR B 227 -17.55 19.47 -11.09
C THR B 227 -17.68 18.16 -10.32
N TYR B 228 -16.53 17.61 -9.95
CA TYR B 228 -16.44 16.34 -9.24
C TYR B 228 -15.64 16.51 -7.96
N PHE B 229 -16.15 15.92 -6.87
CA PHE B 229 -15.47 16.00 -5.58
C PHE B 229 -14.68 14.71 -5.34
N THR B 230 -13.54 14.86 -4.67
CA THR B 230 -12.65 13.73 -4.39
C THR B 230 -12.04 13.91 -3.01
N HIS B 231 -11.17 12.98 -2.61
CA HIS B 231 -10.59 12.90 -1.26
C HIS B 231 -11.71 12.69 -0.23
N ILE B 232 -12.71 11.90 -0.61
CA ILE B 232 -13.94 11.74 0.16
C ILE B 232 -13.76 10.78 1.33
N SER B 233 -14.29 11.14 2.50
CA SER B 233 -14.23 10.26 3.67
C SER B 233 -15.54 9.50 3.90
N HIS B 234 -15.52 8.64 4.92
CA HIS B 234 -16.68 7.83 5.29
C HIS B 234 -17.88 8.66 5.80
N ASP B 235 -17.69 9.96 6.02
CA ASP B 235 -18.80 10.84 6.43
C ASP B 235 -19.74 11.18 5.30
N LEU B 236 -19.34 10.92 4.06
CA LEU B 236 -20.17 11.24 2.91
C LEU B 236 -20.66 9.98 2.18
N PRO B 237 -21.87 9.53 2.49
CA PRO B 237 -22.40 8.38 1.76
C PRO B 237 -22.61 8.78 0.31
N HIS B 238 -22.22 7.94 -0.63
CA HIS B 238 -22.23 8.32 -2.04
C HIS B 238 -23.62 8.72 -2.56
N GLU B 239 -24.60 7.82 -2.43
CA GLU B 239 -25.94 8.08 -2.96
C GLU B 239 -26.64 9.20 -2.19
N GLU B 240 -26.58 9.12 -0.87
CA GLU B 240 -27.24 10.11 -0.04
C GLU B 240 -26.73 11.50 -0.40
N THR B 241 -25.42 11.64 -0.57
CA THR B 241 -24.83 12.94 -0.86
C THR B 241 -25.16 13.43 -2.28
N ASN B 242 -25.04 12.54 -3.26
CA ASN B 242 -25.29 12.94 -4.65
C ASN B 242 -26.71 13.39 -4.95
N ARG B 243 -27.69 12.84 -4.24
CA ARG B 243 -29.06 13.23 -4.54
C ARG B 243 -29.42 14.57 -3.89
N GLN B 244 -28.48 15.12 -3.12
CA GLN B 244 -28.67 16.43 -2.52
C GLN B 244 -27.90 17.53 -3.26
N LEU B 245 -26.94 17.14 -4.09
CA LEU B 245 -26.09 18.11 -4.80
C LEU B 245 -26.77 18.69 -6.05
N PRO B 246 -26.37 19.91 -6.44
CA PRO B 246 -26.87 20.55 -7.66
C PRO B 246 -26.63 19.71 -8.92
N ALA B 247 -27.14 20.18 -10.06
CA ALA B 247 -27.13 19.41 -11.30
C ALA B 247 -25.73 19.03 -11.77
N GLY B 248 -24.85 20.02 -11.86
CA GLY B 248 -23.51 19.79 -12.38
C GLY B 248 -22.45 19.54 -11.33
N ILE B 249 -22.87 19.10 -10.15
CA ILE B 249 -21.92 18.83 -9.07
C ILE B 249 -22.14 17.44 -8.51
N GLN B 250 -21.08 16.63 -8.45
CA GLN B 250 -21.24 15.27 -7.98
C GLN B 250 -19.98 14.74 -7.28
N LEU B 251 -20.16 13.79 -6.35
CA LEU B 251 -19.00 13.05 -5.86
C LEU B 251 -18.45 12.16 -6.96
N ALA B 252 -17.12 12.14 -7.15
CA ALA B 252 -16.51 11.15 -8.03
C ALA B 252 -16.65 9.73 -7.43
N HIS B 253 -16.32 8.72 -8.23
CA HIS B 253 -16.16 7.35 -7.71
C HIS B 253 -14.97 6.68 -8.36
N ASP B 254 -14.46 5.62 -7.74
CA ASP B 254 -13.34 4.87 -8.29
C ASP B 254 -13.72 4.27 -9.64
N GLY B 255 -12.90 4.51 -10.67
CA GLY B 255 -13.16 3.97 -12.00
C GLY B 255 -13.84 4.95 -12.94
N LEU B 256 -14.34 6.07 -12.42
CA LEU B 256 -14.99 7.10 -13.25
C LEU B 256 -14.08 7.54 -14.39
N LYS B 257 -14.59 7.52 -15.62
CA LYS B 257 -13.82 7.96 -16.77
C LYS B 257 -14.51 9.15 -17.42
N LEU B 258 -13.73 10.17 -17.78
CA LEU B 258 -14.28 11.39 -18.35
C LEU B 258 -13.47 11.82 -19.56
N GLU B 259 -14.14 12.24 -20.62
CA GLU B 259 -13.46 12.73 -21.82
C GLU B 259 -13.44 14.25 -21.82
N PHE B 260 -12.36 14.82 -22.34
CA PHE B 260 -12.24 16.27 -22.43
C PHE B 260 -11.27 16.66 -23.54
N GLU B 261 -11.11 17.96 -23.75
CA GLU B 261 -10.24 18.46 -24.80
C GLU B 261 -8.94 19.03 -24.24
N LEU B 262 -7.86 18.83 -24.98
CA LEU B 262 -6.57 19.37 -24.58
C LEU B 262 -5.73 19.66 -25.83
N CYS B 263 -5.13 20.85 -25.89
CA CYS B 263 -4.39 21.26 -27.06
C CYS B 263 -2.93 20.83 -27.00
N LEU B 264 -2.48 20.14 -28.05
CA LEU B 264 -1.08 19.75 -28.17
C LEU B 264 -0.39 20.61 -29.22
N GLU B 265 0.88 20.89 -29.00
CA GLU B 265 1.64 21.74 -29.92
C GLU B 265 2.68 20.94 -30.70
#